data_1BTE
#
_entry.id   1BTE
#
_cell.length_a   71.630
_cell.length_b   71.630
_cell.length_c   37.380
_cell.angle_alpha   90.00
_cell.angle_beta   90.00
_cell.angle_gamma   120.00
#
_symmetry.space_group_name_H-M   'P 3'
#
loop_
_entity.id
_entity.type
_entity.pdbx_description
1 polymer 'PROTEIN (ACTIVIN RECEPTOR TYPE II)'
2 non-polymer 2-acetamido-2-deoxy-beta-D-glucopyranose
3 water water
#
_entity_poly.entity_id   1
_entity_poly.type   'polypeptide(L)'
_entity_poly.pdbx_seq_one_letter_code
;SETQECLFFNANWERDRTNQTGVEPCYGDKDKRRHCFATWKNISGSIEIVKQGCWLDDINCYDRTDCIEKKDSPEVYFCC
CEGNMCNEKFSYFPEME
;
_entity_poly.pdbx_strand_id   A,B
#
# COMPACT_ATOMS: atom_id res chain seq x y z
N GLU A 2 32.09 -11.57 17.80
CA GLU A 2 32.80 -11.58 16.51
C GLU A 2 32.55 -10.32 15.67
N THR A 3 32.18 -9.22 16.30
CA THR A 3 32.03 -7.96 15.55
C THR A 3 32.90 -6.86 16.13
N GLN A 4 33.85 -6.35 15.35
CA GLN A 4 34.73 -5.27 15.77
C GLN A 4 34.48 -3.97 15.01
N GLU A 5 33.83 -4.03 13.84
CA GLU A 5 33.69 -2.80 13.06
C GLU A 5 32.45 -2.91 12.17
N CYS A 6 31.85 -1.77 11.87
CA CYS A 6 30.62 -1.70 11.08
C CYS A 6 30.61 -0.55 10.07
N LEU A 7 29.75 -0.65 9.01
CA LEU A 7 29.53 0.50 8.13
C LEU A 7 28.84 1.58 8.99
N PHE A 8 29.37 2.82 8.88
CA PHE A 8 28.77 3.96 9.62
C PHE A 8 28.10 4.92 8.65
N PHE A 9 26.86 5.33 8.96
CA PHE A 9 26.08 6.31 8.20
C PHE A 9 25.20 7.08 9.19
N ASN A 10 25.09 8.40 9.02
CA ASN A 10 24.21 9.23 9.86
C ASN A 10 23.62 10.38 9.04
N ALA A 11 22.34 10.21 8.66
CA ALA A 11 21.72 11.30 7.88
C ALA A 11 21.65 12.59 8.69
N ASN A 12 21.70 12.54 10.00
CA ASN A 12 21.66 13.76 10.83
C ASN A 12 23.07 14.21 11.23
N TRP A 13 24.10 13.90 10.41
CA TRP A 13 25.48 14.21 10.76
C TRP A 13 25.75 15.67 11.07
N GLU A 14 25.13 16.60 10.33
CA GLU A 14 25.50 17.98 10.57
C GLU A 14 25.10 18.40 11.98
N ARG A 15 23.85 18.15 12.37
CA ARG A 15 23.40 18.57 13.71
C ARG A 15 24.01 17.72 14.80
N ASP A 16 24.31 16.43 14.56
CA ASP A 16 24.89 15.55 15.55
C ASP A 16 26.39 15.65 15.74
N ARG A 17 27.07 16.35 14.84
CA ARG A 17 28.50 16.52 14.84
C ARG A 17 29.28 15.20 14.70
N THR A 18 28.85 14.42 13.69
CA THR A 18 29.53 13.16 13.36
C THR A 18 29.94 13.18 11.89
N ASN A 19 30.73 12.13 11.50
CA ASN A 19 30.92 11.92 10.07
C ASN A 19 29.56 11.63 9.43
N GLN A 20 29.46 11.87 8.12
CA GLN A 20 28.24 11.49 7.39
C GLN A 20 28.32 9.97 7.15
N THR A 21 29.48 9.48 6.76
CA THR A 21 29.70 8.04 6.54
C THR A 21 31.09 7.66 7.03
N GLY A 22 31.38 6.34 7.16
CA GLY A 22 32.70 5.82 7.45
C GLY A 22 32.67 4.35 7.94
N VAL A 23 33.65 4.05 8.77
CA VAL A 23 33.78 2.73 9.39
C VAL A 23 33.72 2.94 10.91
N GLU A 24 32.73 2.44 11.63
CA GLU A 24 32.72 2.62 13.09
C GLU A 24 33.41 1.46 13.77
N PRO A 25 34.35 1.69 14.71
CA PRO A 25 34.94 0.68 15.56
C PRO A 25 34.02 0.39 16.74
N CYS A 26 33.68 -0.86 16.98
CA CYS A 26 32.79 -1.18 18.08
C CYS A 26 33.55 -1.48 19.38
N TYR A 27 33.19 -0.76 20.45
CA TYR A 27 33.88 -0.99 21.73
C TYR A 27 32.85 -1.34 22.79
N GLY A 28 32.70 -0.54 23.83
CA GLY A 28 31.72 -0.83 24.87
C GLY A 28 31.97 -2.21 25.47
N ARG A 33 28.55 -9.04 23.80
CA ARG A 33 28.45 -9.21 22.33
C ARG A 33 28.08 -7.90 21.62
N ARG A 34 28.90 -7.58 20.63
CA ARG A 34 28.70 -6.42 19.77
C ARG A 34 27.96 -6.83 18.51
N HIS A 35 27.22 -5.88 17.93
CA HIS A 35 26.52 -6.10 16.68
C HIS A 35 26.69 -4.88 15.77
N CYS A 36 26.36 -5.03 14.49
CA CYS A 36 26.11 -3.91 13.59
C CYS A 36 24.60 -3.80 13.34
N PHE A 37 24.18 -2.61 12.89
CA PHE A 37 22.76 -2.41 12.60
C PHE A 37 22.57 -1.44 11.45
N ALA A 38 21.35 -1.44 10.91
CA ALA A 38 20.87 -0.40 10.01
C ALA A 38 19.43 -0.02 10.35
N THR A 39 19.09 1.27 10.12
CA THR A 39 17.72 1.75 10.23
C THR A 39 17.40 2.54 8.98
N TRP A 40 16.20 2.33 8.41
CA TRP A 40 15.88 3.01 7.15
C TRP A 40 14.37 3.22 6.97
N LYS A 41 14.04 4.11 6.03
CA LYS A 41 12.64 4.29 5.64
C LYS A 41 12.50 3.64 4.26
N ASN A 42 11.31 3.10 3.98
CA ASN A 42 11.02 2.47 2.69
C ASN A 42 9.58 2.85 2.30
N ILE A 43 9.49 3.83 1.42
CA ILE A 43 8.17 4.32 0.96
C ILE A 43 8.02 3.93 -0.50
N SER A 44 7.08 2.99 -0.69
CA SER A 44 6.82 2.45 -2.03
C SER A 44 8.08 1.95 -2.72
N GLY A 45 9.03 1.32 -2.04
CA GLY A 45 10.25 0.84 -2.66
C GLY A 45 11.40 1.83 -2.61
N SER A 46 11.17 3.11 -2.34
CA SER A 46 12.27 4.09 -2.25
C SER A 46 12.90 4.08 -0.85
N ILE A 47 14.17 3.72 -0.80
CA ILE A 47 14.88 3.54 0.47
C ILE A 47 15.68 4.76 0.87
N GLU A 48 15.56 5.17 2.11
CA GLU A 48 16.33 6.28 2.68
C GLU A 48 16.98 5.79 3.97
N ILE A 49 18.33 5.73 4.00
CA ILE A 49 18.96 5.33 5.25
C ILE A 49 18.84 6.40 6.35
N VAL A 50 18.54 5.96 7.55
CA VAL A 50 18.52 6.83 8.73
C VAL A 50 19.86 6.74 9.43
N LYS A 51 20.30 5.54 9.86
CA LYS A 51 21.58 5.35 10.49
C LYS A 51 22.14 3.95 10.18
N GLN A 52 23.45 3.83 10.17
CA GLN A 52 24.15 2.53 10.12
C GLN A 52 25.23 2.61 11.21
N GLY A 53 25.59 1.51 11.88
CA GLY A 53 26.77 1.63 12.77
C GLY A 53 26.82 0.44 13.72
N CYS A 54 27.62 0.56 14.80
CA CYS A 54 27.62 -0.47 15.81
C CYS A 54 26.41 -0.31 16.75
N TRP A 55 25.97 -1.42 17.32
CA TRP A 55 24.86 -1.45 18.26
C TRP A 55 25.41 -2.18 19.49
N LEU A 56 25.48 -1.44 20.60
CA LEU A 56 26.20 -2.01 21.75
C LEU A 56 25.29 -2.60 22.82
N ASP A 57 24.05 -2.16 22.95
CA ASP A 57 23.18 -2.72 24.01
C ASP A 57 22.82 -4.15 23.63
N ASP A 58 22.53 -4.98 24.64
CA ASP A 58 22.11 -6.35 24.40
C ASP A 58 20.93 -6.36 23.44
N ILE A 59 20.91 -7.27 22.48
CA ILE A 59 19.79 -7.29 21.54
C ILE A 59 19.73 -8.63 20.83
N ASN A 60 18.55 -8.98 20.32
CA ASN A 60 18.41 -10.20 19.52
C ASN A 60 18.10 -9.79 18.09
N CYS A 61 18.69 -10.49 17.13
CA CYS A 61 18.49 -10.11 15.73
C CYS A 61 17.72 -11.22 15.03
N TYR A 62 17.19 -10.96 13.85
CA TYR A 62 16.41 -11.96 13.13
C TYR A 62 17.29 -13.01 12.45
N ASP A 63 18.50 -12.66 12.11
CA ASP A 63 19.48 -13.57 11.49
C ASP A 63 20.85 -13.21 12.08
N ARG A 64 21.72 -14.20 12.25
CA ARG A 64 23.01 -13.99 12.85
C ARG A 64 23.95 -13.20 11.95
N THR A 65 24.02 -13.61 10.69
CA THR A 65 24.92 -13.12 9.68
C THR A 65 24.40 -11.99 8.80
N ASP A 66 23.16 -12.15 8.33
CA ASP A 66 22.55 -11.19 7.42
C ASP A 66 21.74 -10.18 8.23
N CYS A 67 21.70 -8.92 7.81
CA CYS A 67 20.89 -7.92 8.54
C CYS A 67 19.50 -7.90 7.88
N ILE A 68 18.50 -8.39 8.63
CA ILE A 68 17.15 -8.57 8.07
C ILE A 68 16.06 -8.00 8.99
N GLU A 69 15.10 -7.25 8.42
CA GLU A 69 13.93 -6.80 9.18
C GLU A 69 12.80 -7.80 8.93
N LYS A 70 12.17 -8.33 9.99
CA LYS A 70 11.08 -9.32 9.79
C LYS A 70 9.78 -8.76 10.31
N LYS A 71 9.68 -7.51 10.82
CA LYS A 71 8.40 -6.99 11.24
C LYS A 71 7.57 -6.63 9.99
N ASP A 72 6.25 -6.62 10.13
CA ASP A 72 5.37 -6.35 8.99
C ASP A 72 5.02 -4.88 8.78
N SER A 73 5.45 -4.36 7.62
CA SER A 73 5.17 -2.97 7.27
C SER A 73 5.46 -1.99 8.37
N PRO A 74 6.68 -1.90 8.88
CA PRO A 74 7.00 -0.94 9.93
C PRO A 74 7.18 0.48 9.43
N GLU A 75 7.09 1.51 10.28
CA GLU A 75 7.35 2.86 9.75
C GLU A 75 8.85 3.11 9.68
N VAL A 76 9.63 2.65 10.66
CA VAL A 76 11.07 2.73 10.63
C VAL A 76 11.62 1.29 10.65
N TYR A 77 12.29 0.91 9.55
CA TYR A 77 12.83 -0.44 9.44
C TYR A 77 14.08 -0.55 10.28
N PHE A 78 14.35 -1.71 10.87
CA PHE A 78 15.55 -1.91 11.68
C PHE A 78 16.05 -3.34 11.46
N CYS A 79 17.38 -3.51 11.45
CA CYS A 79 17.96 -4.84 11.50
C CYS A 79 19.25 -4.81 12.32
N CYS A 80 19.66 -5.96 12.89
CA CYS A 80 21.01 -6.06 13.43
C CYS A 80 21.68 -7.36 12.97
N CYS A 81 22.99 -7.42 13.03
CA CYS A 81 23.73 -8.59 12.52
C CYS A 81 25.06 -8.71 13.24
N GLU A 82 25.71 -9.87 13.12
CA GLU A 82 27.04 -10.09 13.61
C GLU A 82 28.03 -10.31 12.47
N GLY A 83 29.25 -9.81 12.66
CA GLY A 83 30.28 -9.89 11.63
C GLY A 83 30.74 -8.54 11.09
N ASN A 84 32.05 -8.38 10.93
CA ASN A 84 32.60 -7.12 10.44
C ASN A 84 32.00 -6.67 9.13
N MET A 85 31.41 -5.44 9.17
CA MET A 85 30.81 -4.77 8.04
C MET A 85 29.52 -5.45 7.60
N CYS A 86 28.89 -6.28 8.45
CA CYS A 86 27.70 -7.04 7.99
C CYS A 86 26.52 -6.18 7.64
N ASN A 87 26.41 -4.98 8.17
CA ASN A 87 25.29 -4.10 7.89
C ASN A 87 25.41 -3.32 6.60
N GLU A 88 26.37 -3.62 5.70
CA GLU A 88 26.38 -2.88 4.44
C GLU A 88 25.19 -3.27 3.57
N LYS A 89 24.81 -4.53 3.65
CA LYS A 89 23.63 -5.02 2.93
C LYS A 89 22.51 -5.24 3.95
N PHE A 90 21.31 -4.76 3.64
CA PHE A 90 20.20 -4.97 4.60
C PHE A 90 18.93 -5.25 3.81
N SER A 91 18.12 -6.18 4.35
CA SER A 91 16.98 -6.68 3.57
C SER A 91 15.68 -6.72 4.36
N TYR A 92 14.56 -6.84 3.69
CA TYR A 92 13.23 -6.90 4.27
C TYR A 92 12.58 -8.23 3.91
N PHE A 93 12.41 -9.11 4.89
CA PHE A 93 11.68 -10.38 4.72
C PHE A 93 10.64 -10.50 5.82
N PRO A 94 9.49 -9.83 5.69
CA PRO A 94 8.48 -9.75 6.74
C PRO A 94 8.01 -11.15 7.08
N GLU A 95 7.74 -11.38 8.35
CA GLU A 95 7.24 -12.66 8.84
C GLU A 95 6.01 -13.13 8.09
N MET A 96 5.17 -12.22 7.62
CA MET A 96 3.94 -12.57 6.93
C MET A 96 4.12 -13.37 5.67
N GLU A 97 5.27 -13.37 5.03
CA GLU A 97 5.50 -14.14 3.82
C GLU A 97 5.43 -15.67 4.06
N GLU B 2 -16.28 -8.88 0.71
CA GLU B 2 -15.56 -9.31 -0.50
C GLU B 2 -15.27 -8.08 -1.39
N THR B 3 -15.72 -6.89 -1.11
CA THR B 3 -15.38 -5.74 -1.98
C THR B 3 -14.67 -4.66 -1.19
N GLN B 4 -13.40 -4.40 -1.48
CA GLN B 4 -12.65 -3.39 -0.76
C GLN B 4 -12.31 -2.17 -1.63
N GLU B 5 -12.41 -2.29 -2.94
CA GLU B 5 -12.00 -1.19 -3.82
C GLU B 5 -12.71 -1.26 -5.17
N CYS B 6 -12.93 -0.10 -5.80
CA CYS B 6 -13.71 -0.04 -7.05
C CYS B 6 -13.13 0.99 -8.03
N LEU B 7 -13.42 0.82 -9.32
CA LEU B 7 -13.06 1.82 -10.33
C LEU B 7 -13.84 3.08 -9.92
N PHE B 8 -13.12 4.23 -9.91
CA PHE B 8 -13.81 5.51 -9.56
C PHE B 8 -13.89 6.38 -10.81
N PHE B 9 -15.05 7.01 -11.02
CA PHE B 9 -15.21 7.96 -12.11
C PHE B 9 -16.24 9.00 -11.59
N ASN B 10 -16.03 10.29 -11.90
CA ASN B 10 -17.02 11.31 -11.51
C ASN B 10 -17.10 12.31 -12.66
N ALA B 11 -18.19 12.27 -13.43
CA ALA B 11 -18.33 13.26 -14.51
C ALA B 11 -18.43 14.69 -13.98
N ASN B 12 -18.89 14.84 -12.75
CA ASN B 12 -19.01 16.21 -12.21
C ASN B 12 -17.83 16.59 -11.32
N TRP B 13 -16.66 16.04 -11.63
CA TRP B 13 -15.44 16.26 -10.82
C TRP B 13 -15.05 17.73 -10.63
N GLU B 14 -15.30 18.57 -11.65
CA GLU B 14 -14.85 19.96 -11.53
C GLU B 14 -15.70 20.69 -10.51
N ARG B 15 -17.01 20.50 -10.52
CA ARG B 15 -17.85 21.14 -9.50
C ARG B 15 -17.76 20.50 -8.12
N ASP B 16 -17.56 19.17 -8.06
CA ASP B 16 -17.53 18.43 -6.82
C ASP B 16 -16.15 18.47 -6.16
N ARG B 17 -15.10 18.88 -6.87
CA ARG B 17 -13.74 18.92 -6.38
C ARG B 17 -13.22 17.52 -6.03
N THR B 18 -13.34 16.59 -6.99
CA THR B 18 -12.79 15.25 -6.79
C THR B 18 -11.92 14.93 -7.99
N ASN B 19 -11.25 13.73 -7.88
CA ASN B 19 -10.58 13.24 -9.08
C ASN B 19 -11.62 13.02 -10.17
N GLN B 20 -11.20 12.98 -11.45
CA GLN B 20 -12.14 12.61 -12.51
C GLN B 20 -12.19 11.07 -12.51
N THR B 21 -11.06 10.41 -12.38
CA THR B 21 -10.95 8.96 -12.36
C THR B 21 -9.97 8.50 -11.30
N GLY B 22 -10.04 7.21 -10.91
CA GLY B 22 -9.08 6.60 -10.01
C GLY B 22 -9.54 5.23 -9.49
N VAL B 23 -9.09 4.97 -8.28
CA VAL B 23 -9.46 3.76 -7.51
C VAL B 23 -10.06 4.21 -6.18
N GLU B 24 -11.34 3.85 -5.92
CA GLU B 24 -11.94 4.25 -4.62
C GLU B 24 -11.83 3.17 -3.58
N PRO B 25 -11.35 3.46 -2.37
CA PRO B 25 -11.37 2.49 -1.26
C PRO B 25 -12.77 2.38 -0.68
N CYS B 26 -13.36 1.21 -0.44
CA CYS B 26 -14.72 1.13 0.08
C CYS B 26 -14.84 1.05 1.60
N TYR B 27 -13.81 0.63 2.30
CA TYR B 27 -13.85 0.46 3.74
C TYR B 27 -15.10 -0.27 4.24
N GLY B 28 -15.22 -1.54 3.91
CA GLY B 28 -16.41 -2.28 4.39
C GLY B 28 -15.98 -3.03 5.64
N ASP B 29 -16.90 -3.76 6.25
CA ASP B 29 -16.57 -4.54 7.43
C ASP B 29 -17.50 -5.72 7.59
N LYS B 30 -17.39 -6.39 8.73
CA LYS B 30 -18.18 -7.60 8.99
C LYS B 30 -19.65 -7.35 8.70
N ASP B 31 -20.22 -6.34 9.35
CA ASP B 31 -21.63 -6.00 9.18
C ASP B 31 -21.93 -5.26 7.88
N LYS B 32 -20.97 -4.53 7.32
CA LYS B 32 -21.21 -3.74 6.12
C LYS B 32 -20.66 -4.39 4.86
N ARG B 33 -21.51 -5.08 4.08
CA ARG B 33 -21.09 -5.74 2.85
C ARG B 33 -21.16 -4.80 1.65
N ARG B 34 -20.02 -4.40 1.12
CA ARG B 34 -19.92 -3.40 0.09
C ARG B 34 -20.05 -3.92 -1.34
N HIS B 35 -20.32 -2.99 -2.27
CA HIS B 35 -20.48 -3.33 -3.68
C HIS B 35 -19.80 -2.20 -4.50
N CYS B 36 -19.51 -2.45 -5.76
CA CYS B 36 -19.13 -1.40 -6.70
C CYS B 36 -20.36 -1.12 -7.54
N PHE B 37 -20.41 0.02 -8.23
CA PHE B 37 -21.54 0.40 -9.07
C PHE B 37 -21.08 1.26 -10.23
N ALA B 38 -21.94 1.39 -11.24
CA ALA B 38 -21.74 2.31 -12.36
C ALA B 38 -23.05 2.95 -12.71
N THR B 39 -23.11 4.20 -13.16
CA THR B 39 -24.33 4.81 -13.69
C THR B 39 -23.94 5.64 -14.92
N TRP B 40 -24.73 5.52 -15.99
CA TRP B 40 -24.38 6.08 -17.28
C TRP B 40 -25.64 6.45 -18.08
N LYS B 41 -25.38 7.24 -19.12
CA LYS B 41 -26.38 7.51 -20.17
C LYS B 41 -25.98 6.73 -21.42
N ASN B 42 -26.97 6.39 -22.26
CA ASN B 42 -26.73 5.65 -23.50
C ASN B 42 -27.72 6.21 -24.54
N ILE B 43 -27.29 7.23 -25.26
CA ILE B 43 -28.26 7.81 -26.22
C ILE B 43 -27.88 7.29 -27.59
N SER B 44 -28.74 6.37 -28.06
CA SER B 44 -28.58 5.68 -29.32
C SER B 44 -27.23 5.00 -29.53
N GLY B 45 -26.72 4.33 -28.50
CA GLY B 45 -25.46 3.63 -28.60
C GLY B 45 -24.26 4.39 -28.06
N SER B 46 -24.40 5.70 -27.86
CA SER B 46 -23.34 6.54 -27.34
C SER B 46 -23.32 6.60 -25.80
N ILE B 47 -22.32 5.99 -25.21
CA ILE B 47 -22.20 5.93 -23.76
C ILE B 47 -21.46 7.08 -23.12
N GLU B 48 -22.10 7.64 -22.08
CA GLU B 48 -21.58 8.70 -21.25
C GLU B 48 -21.61 8.26 -19.77
N ILE B 49 -20.44 8.03 -19.19
CA ILE B 49 -20.42 7.68 -17.76
C ILE B 49 -20.80 8.86 -16.86
N VAL B 50 -21.64 8.65 -15.86
CA VAL B 50 -22.03 9.69 -14.90
C VAL B 50 -21.19 9.47 -13.64
N LYS B 51 -21.20 8.25 -13.05
CA LYS B 51 -20.32 7.92 -11.93
C LYS B 51 -19.90 6.45 -11.98
N GLN B 52 -18.77 6.10 -11.39
CA GLN B 52 -18.38 4.75 -11.02
C GLN B 52 -17.80 4.82 -9.61
N GLY B 53 -18.03 3.84 -8.72
CA GLY B 53 -17.36 3.87 -7.42
C GLY B 53 -17.89 2.77 -6.48
N CYS B 54 -17.66 2.99 -5.20
CA CYS B 54 -18.21 2.13 -4.15
C CYS B 54 -19.63 2.49 -3.77
N TRP B 55 -20.49 1.48 -3.58
CA TRP B 55 -21.86 1.72 -3.12
C TRP B 55 -21.88 1.31 -1.65
N LEU B 56 -22.23 2.23 -0.75
CA LEU B 56 -21.96 2.02 0.66
C LEU B 56 -23.13 1.52 1.48
N ASP B 57 -24.26 1.30 0.87
CA ASP B 57 -25.45 0.87 1.60
C ASP B 57 -25.86 -0.53 1.15
N ASP B 58 -26.65 -1.20 1.99
CA ASP B 58 -27.14 -2.52 1.62
C ASP B 58 -27.99 -2.40 0.36
N ILE B 59 -27.77 -3.26 -0.60
CA ILE B 59 -28.47 -3.20 -1.89
C ILE B 59 -28.53 -4.57 -2.52
N ASN B 60 -29.47 -4.81 -3.41
CA ASN B 60 -29.62 -6.03 -4.19
C ASN B 60 -29.23 -5.84 -5.65
N CYS B 61 -28.26 -6.59 -6.20
CA CYS B 61 -27.84 -6.40 -7.59
C CYS B 61 -28.36 -7.38 -8.60
N TYR B 62 -28.26 -7.16 -9.91
CA TYR B 62 -28.73 -8.15 -10.90
C TYR B 62 -27.85 -9.38 -11.01
N ASP B 63 -26.53 -9.23 -10.94
CA ASP B 63 -25.61 -10.37 -10.95
C ASP B 63 -24.60 -10.09 -9.84
N ARG B 64 -24.13 -11.13 -9.18
CA ARG B 64 -23.22 -10.98 -8.06
C ARG B 64 -21.86 -10.50 -8.55
N THR B 65 -21.36 -10.97 -9.71
CA THR B 65 -20.01 -10.51 -10.05
C THR B 65 -19.89 -9.63 -11.27
N ASP B 66 -20.82 -9.70 -12.22
CA ASP B 66 -20.78 -8.80 -13.37
C ASP B 66 -21.70 -7.62 -13.08
N CYS B 67 -21.40 -6.45 -13.60
CA CYS B 67 -22.23 -5.26 -13.38
C CYS B 67 -23.15 -5.14 -14.60
N ILE B 68 -24.41 -5.51 -14.41
CA ILE B 68 -25.42 -5.54 -15.50
C ILE B 68 -26.71 -4.78 -15.17
N GLU B 69 -27.16 -3.98 -16.12
CA GLU B 69 -28.44 -3.27 -16.08
C GLU B 69 -29.48 -4.19 -16.78
N LYS B 70 -30.55 -4.53 -16.07
CA LYS B 70 -31.62 -5.32 -16.70
C LYS B 70 -32.94 -4.57 -16.83
N LYS B 71 -33.02 -3.32 -16.35
CA LYS B 71 -34.24 -2.53 -16.61
C LYS B 71 -34.31 -2.23 -18.10
N ASP B 72 -35.53 -2.24 -18.66
CA ASP B 72 -35.66 -2.00 -20.11
C ASP B 72 -35.65 -0.53 -20.50
N SER B 73 -34.78 -0.17 -21.43
CA SER B 73 -34.56 1.14 -21.99
C SER B 73 -34.82 2.30 -21.05
N PRO B 74 -33.99 2.41 -20.00
CA PRO B 74 -34.16 3.47 -19.03
C PRO B 74 -33.58 4.78 -19.49
N GLU B 75 -33.95 5.91 -18.89
CA GLU B 75 -33.35 7.18 -19.25
C GLU B 75 -31.92 7.18 -18.65
N VAL B 76 -31.80 6.71 -17.40
CA VAL B 76 -30.47 6.66 -16.76
C VAL B 76 -30.18 5.21 -16.38
N TYR B 77 -29.02 4.68 -16.77
CA TYR B 77 -28.66 3.27 -16.53
C TYR B 77 -27.93 3.12 -15.21
N PHE B 78 -28.04 1.95 -14.56
CA PHE B 78 -27.37 1.70 -13.29
C PHE B 78 -27.06 0.22 -13.17
N CYS B 79 -25.96 -0.16 -12.55
CA CYS B 79 -25.69 -1.55 -12.20
C CYS B 79 -24.91 -1.60 -10.89
N CYS B 80 -24.95 -2.73 -10.16
CA CYS B 80 -24.05 -2.95 -9.04
C CYS B 80 -23.47 -4.38 -9.04
N CYS B 81 -22.32 -4.56 -8.40
CA CYS B 81 -21.62 -5.85 -8.43
C CYS B 81 -20.76 -6.02 -7.18
N GLU B 82 -20.30 -7.29 -6.97
CA GLU B 82 -19.35 -7.55 -5.88
C GLU B 82 -17.99 -8.02 -6.42
N GLY B 83 -16.91 -7.70 -5.74
CA GLY B 83 -15.56 -8.03 -6.13
C GLY B 83 -14.71 -6.81 -6.53
N ASN B 84 -13.46 -6.77 -6.09
CA ASN B 84 -12.65 -5.59 -6.35
C ASN B 84 -12.55 -5.26 -7.82
N MET B 85 -12.84 -3.96 -8.14
CA MET B 85 -12.75 -3.42 -9.48
C MET B 85 -13.80 -4.04 -10.40
N CYS B 86 -14.88 -4.65 -9.84
CA CYS B 86 -15.86 -5.31 -10.70
C CYS B 86 -16.61 -4.41 -11.65
N ASN B 87 -16.73 -3.12 -11.35
CA ASN B 87 -17.49 -2.16 -12.12
C ASN B 87 -16.68 -1.55 -13.26
N GLU B 88 -15.49 -2.03 -13.57
CA GLU B 88 -14.77 -1.53 -14.74
C GLU B 88 -15.51 -1.85 -16.04
N LYS B 89 -16.14 -3.03 -16.10
CA LYS B 89 -16.97 -3.36 -17.26
C LYS B 89 -18.42 -3.32 -16.79
N PHE B 90 -19.29 -2.78 -17.63
CA PHE B 90 -20.71 -2.67 -17.25
C PHE B 90 -21.53 -2.86 -18.53
N SER B 91 -22.59 -3.66 -18.39
CA SER B 91 -23.38 -4.04 -19.55
C SER B 91 -24.89 -3.91 -19.41
N TYR B 92 -25.59 -4.03 -20.56
CA TYR B 92 -27.04 -3.89 -20.63
C TYR B 92 -27.74 -5.13 -21.18
N PHE B 93 -28.58 -5.78 -20.39
CA PHE B 93 -29.35 -6.96 -20.80
C PHE B 93 -30.79 -6.81 -20.31
N PRO B 94 -31.60 -6.13 -21.12
CA PRO B 94 -32.97 -5.83 -20.75
C PRO B 94 -33.84 -7.04 -20.47
N GLU B 95 -34.60 -7.00 -19.38
CA GLU B 95 -35.46 -8.14 -19.05
C GLU B 95 -36.66 -8.22 -19.98
#